data_3OE0
#
_entry.id   3OE0
#
_cell.length_a   82.080
_cell.length_b   144.860
_cell.length_c   73.990
_cell.angle_alpha   90.00
_cell.angle_beta   104.54
_cell.angle_gamma   90.00
#
_symmetry.space_group_name_H-M   'C 1 2 1'
#
loop_
_entity.id
_entity.type
_entity.pdbx_description
1 polymer 'C-X-C chemokine receptor type 4, Lysozyme Chimera'
2 polymer 'Polyphemusin analog, CXC chemokine receptor antagonist'
3 water water
#
loop_
_entity_poly.entity_id
_entity_poly.type
_entity_poly.pdbx_seq_one_letter_code
_entity_poly.pdbx_strand_id
1 'polypeptide(L)'
;DYKDDDDAGAPEGISIYTSDNYTEEMGSGDYDSMKEPCFREENANFNKIFLPTIYSIIFLTGIVGNGLVILVMGYQKKLR
SMTDKYRLHLSVADLLFVITLPFWAVDAVANWYFGNFLCKAVHVIYTVNLYSSVWILAFISLDRYLAIVHATNSQRPRKL
LAEKVVYVGVWIPALLLTIPDFIFANVSEADDRYICDRFYPNDLWVVVFQFQHIMVGLILPGIVILSCYCIIISKLSHNI
FEMLRIDEGLRLKIYKDTEGYYTIGIGHLLTKSPSLNAAKSELDKAIGRNTNGVITKDEAEKLFNQDVDAAVRGILRNAK
LKPVYDSLDAVRRAALINMVFQMGETGVAGFTNSLRMLQQKRWDEAAVNLAKSRWYNQTPNRAKRVITTFRTGTWDAYSG
SGHQKRKALKPTVILILAFFACWLPYYIGISIDSFILLEIIKQGCEFENTVHKWISITEALAFFHCCLNPILYAFLGAKF
KTSAQHALTSGRPLEVLFQ
;
A
2 'polypeptide(L)' RR(ALN)CYQK(DPR)PYR(CIR)CRG(DPR) I
#
# COMPACT_ATOMS: atom_id res chain seq x y z
N LYS A 35 45.47 1.35 -0.20
CA LYS A 35 44.19 1.32 0.56
C LYS A 35 43.87 -0.09 1.03
N GLU A 36 44.33 -0.42 2.24
CA GLU A 36 43.91 -1.63 2.94
C GLU A 36 42.44 -1.48 3.39
N PRO A 37 41.68 -2.59 3.44
CA PRO A 37 40.26 -2.48 3.79
C PRO A 37 40.02 -2.04 5.24
N CYS A 38 38.88 -1.40 5.48
CA CYS A 38 38.49 -1.00 6.83
C CYS A 38 38.15 -2.23 7.63
N PHE A 39 38.71 -2.31 8.83
CA PHE A 39 38.44 -3.41 9.73
C PHE A 39 37.30 -3.04 10.68
N ARG A 40 36.33 -3.94 10.81
CA ARG A 40 35.28 -3.82 11.83
C ARG A 40 35.37 -4.99 12.77
N GLU A 41 35.05 -4.75 14.04
CA GLU A 41 35.08 -5.80 15.05
C GLU A 41 33.77 -6.55 14.95
N GLU A 42 33.82 -7.85 15.26
CA GLU A 42 32.60 -8.61 15.46
C GLU A 42 32.13 -8.26 16.89
N ASN A 43 30.82 -8.21 17.09
CA ASN A 43 30.23 -7.83 18.38
C ASN A 43 29.55 -9.04 18.98
N ALA A 44 29.98 -9.43 20.17
CA ALA A 44 29.44 -10.62 20.82
C ALA A 44 27.95 -10.44 21.13
N ASN A 45 27.62 -9.49 22.00
CA ASN A 45 26.24 -9.25 22.41
C ASN A 45 25.24 -9.18 21.26
N PHE A 46 25.70 -8.63 20.15
CA PHE A 46 24.89 -8.56 18.93
C PHE A 46 24.65 -9.96 18.35
N ASN A 47 25.73 -10.69 18.12
CA ASN A 47 25.68 -12.06 17.57
C ASN A 47 25.14 -13.09 18.55
N LYS A 48 25.38 -12.89 19.84
CA LYS A 48 25.11 -13.89 20.86
C LYS A 48 23.76 -13.72 21.56
N ILE A 49 23.31 -12.46 21.71
CA ILE A 49 22.06 -12.18 22.43
C ILE A 49 21.00 -11.54 21.52
N PHE A 50 21.35 -10.41 20.92
CA PHE A 50 20.39 -9.62 20.16
C PHE A 50 19.71 -10.38 19.01
N LEU A 51 20.50 -10.86 18.06
CA LEU A 51 19.97 -11.57 16.88
C LEU A 51 19.18 -12.84 17.23
N PRO A 52 19.75 -13.72 18.07
CA PRO A 52 18.95 -14.91 18.40
C PRO A 52 17.61 -14.56 19.03
N THR A 53 17.59 -13.55 19.88
CA THR A 53 16.34 -13.09 20.48
C THR A 53 15.33 -12.76 19.39
N ILE A 54 15.69 -11.79 18.55
CA ILE A 54 14.80 -11.34 17.47
C ILE A 54 14.39 -12.51 16.59
N TYR A 55 15.36 -13.29 16.09
CA TYR A 55 15.06 -14.42 15.20
C TYR A 55 14.02 -15.38 15.81
N SER A 56 14.08 -15.57 17.13
CA SER A 56 13.12 -16.42 17.81
C SER A 56 11.72 -15.79 17.86
N ILE A 57 11.61 -14.58 18.41
CA ILE A 57 10.33 -13.89 18.47
C ILE A 57 9.62 -13.95 17.11
N ILE A 58 10.37 -13.61 16.06
CA ILE A 58 9.83 -13.59 14.69
C ILE A 58 9.39 -14.98 14.26
N PHE A 59 10.20 -15.97 14.60
CA PHE A 59 9.92 -17.36 14.26
C PHE A 59 8.62 -17.84 14.91
N LEU A 60 8.52 -17.66 16.22
CA LEU A 60 7.31 -18.07 16.97
C LEU A 60 6.11 -17.40 16.35
N THR A 61 6.06 -16.08 16.44
CA THR A 61 4.92 -15.32 16.00
C THR A 61 4.71 -15.53 14.50
N GLY A 62 5.79 -15.82 13.78
CA GLY A 62 5.69 -16.16 12.37
C GLY A 62 5.19 -17.56 12.08
N ILE A 63 5.86 -18.57 12.63
CA ILE A 63 5.56 -19.97 12.30
C ILE A 63 4.09 -20.29 12.59
N VAL A 64 3.54 -19.74 13.66
CA VAL A 64 2.12 -19.94 13.97
C VAL A 64 1.24 -19.06 13.07
N GLY A 65 1.55 -17.77 13.03
CA GLY A 65 0.72 -16.81 12.29
C GLY A 65 0.44 -17.17 10.84
N ASN A 66 1.49 -17.53 10.10
CA ASN A 66 1.33 -17.90 8.70
C ASN A 66 0.71 -19.29 8.60
N GLY A 67 1.13 -20.18 9.50
CA GLY A 67 0.57 -21.52 9.59
C GLY A 67 -0.93 -21.52 9.72
N LEU A 68 -1.46 -20.70 10.63
CA LEU A 68 -2.90 -20.55 10.79
C LEU A 68 -3.53 -19.98 9.52
N VAL A 69 -2.89 -19.00 8.92
CA VAL A 69 -3.35 -18.45 7.65
C VAL A 69 -3.41 -19.52 6.57
N ILE A 70 -2.49 -20.47 6.59
CA ILE A 70 -2.42 -21.49 5.53
C ILE A 70 -3.44 -22.61 5.68
N LEU A 71 -3.78 -22.99 6.91
CA LEU A 71 -4.73 -24.08 7.14
C LEU A 71 -6.17 -23.56 7.15
N VAL A 72 -6.34 -22.30 7.59
CA VAL A 72 -7.64 -21.65 7.61
C VAL A 72 -8.00 -21.19 6.20
N MET A 73 -7.22 -20.25 5.67
CA MET A 73 -7.51 -19.63 4.37
C MET A 73 -7.24 -20.61 3.25
N GLY A 74 -6.39 -21.61 3.50
CA GLY A 74 -6.02 -22.61 2.48
C GLY A 74 -7.13 -23.61 2.19
N TYR A 75 -7.79 -24.10 3.24
CA TYR A 75 -8.92 -25.03 3.11
C TYR A 75 -10.21 -24.30 3.54
N GLN A 76 -11.29 -25.05 3.79
CA GLN A 76 -12.53 -24.48 4.36
C GLN A 76 -12.91 -23.08 3.85
N SER A 81 -12.67 -14.45 -2.58
CA SER A 81 -12.10 -13.10 -2.59
C SER A 81 -10.65 -13.08 -3.14
N MET A 82 -10.45 -12.38 -4.26
CA MET A 82 -9.14 -12.34 -4.93
C MET A 82 -8.01 -11.86 -4.02
N THR A 83 -8.31 -10.86 -3.18
CA THR A 83 -7.28 -10.24 -2.35
C THR A 83 -6.77 -11.22 -1.29
N ASP A 84 -7.62 -12.13 -0.84
CA ASP A 84 -7.17 -13.22 0.02
C ASP A 84 -6.28 -14.20 -0.75
N LYS A 85 -6.66 -14.53 -1.99
CA LYS A 85 -5.89 -15.49 -2.79
C LYS A 85 -4.42 -15.09 -2.82
N TYR A 86 -4.15 -13.82 -3.07
CA TYR A 86 -2.77 -13.36 -3.13
C TYR A 86 -2.07 -13.52 -1.78
N ARG A 87 -2.80 -13.30 -0.71
CA ARG A 87 -2.23 -13.41 0.63
C ARG A 87 -2.01 -14.86 1.03
N LEU A 88 -2.73 -15.78 0.39
CA LEU A 88 -2.42 -17.18 0.54
C LEU A 88 -0.99 -17.39 0.06
N HIS A 89 -0.74 -17.08 -1.20
CA HIS A 89 0.64 -17.06 -1.75
C HIS A 89 1.63 -16.37 -0.82
N LEU A 90 1.37 -15.11 -0.49
CA LEU A 90 2.25 -14.30 0.35
C LEU A 90 2.65 -15.06 1.61
N SER A 91 1.65 -15.64 2.26
CA SER A 91 1.87 -16.35 3.51
C SER A 91 2.62 -17.65 3.33
N VAL A 92 2.56 -18.23 2.13
CA VAL A 92 3.38 -19.40 1.81
C VAL A 92 4.83 -18.96 1.59
N ALA A 93 5.01 -17.79 1.00
CA ALA A 93 6.34 -17.23 0.76
C ALA A 93 7.05 -16.90 2.07
N ASP A 94 6.29 -16.42 3.05
CA ASP A 94 6.84 -16.03 4.35
C ASP A 94 7.09 -17.25 5.22
N LEU A 95 6.21 -18.25 5.10
CA LEU A 95 6.36 -19.47 5.88
C LEU A 95 7.67 -20.10 5.51
N LEU A 96 7.88 -20.30 4.21
CA LEU A 96 9.07 -20.95 3.70
C LEU A 96 10.33 -20.27 4.22
N PHE A 97 10.23 -18.97 4.48
CA PHE A 97 11.32 -18.20 5.07
C PHE A 97 11.48 -18.47 6.56
N VAL A 98 10.39 -18.38 7.32
CA VAL A 98 10.50 -18.46 8.78
C VAL A 98 11.14 -19.77 9.19
N ILE A 99 10.75 -20.88 8.57
CA ILE A 99 11.35 -22.17 8.94
C ILE A 99 12.86 -22.21 8.63
N THR A 100 13.38 -21.17 7.99
CA THR A 100 14.82 -21.04 7.77
C THR A 100 15.53 -20.32 8.91
N LEU A 101 14.78 -19.67 9.80
CA LEU A 101 15.38 -18.82 10.85
C LEU A 101 16.18 -19.56 11.92
N PRO A 102 15.69 -20.71 12.42
CA PRO A 102 16.52 -21.46 13.36
C PRO A 102 17.96 -21.63 12.90
N PHE A 103 18.17 -21.88 11.60
CA PHE A 103 19.53 -22.03 11.08
C PHE A 103 20.25 -20.71 11.24
N TRP A 104 19.66 -19.65 10.69
CA TRP A 104 20.15 -18.29 10.84
C TRP A 104 20.60 -17.99 12.27
N ALA A 105 19.87 -18.51 13.25
CA ALA A 105 20.12 -18.21 14.67
C ALA A 105 21.32 -18.97 15.22
N VAL A 106 21.37 -20.27 14.98
CA VAL A 106 22.49 -21.08 15.44
C VAL A 106 23.78 -20.69 14.68
N ASP A 107 23.62 -20.16 13.48
CA ASP A 107 24.75 -19.56 12.74
C ASP A 107 25.27 -18.34 13.46
N ALA A 108 24.33 -17.53 13.95
CA ALA A 108 24.66 -16.28 14.64
C ALA A 108 25.46 -16.52 15.91
N VAL A 109 25.06 -17.50 16.71
CA VAL A 109 25.67 -17.70 18.03
C VAL A 109 26.90 -18.60 17.98
N ALA A 110 26.82 -19.70 17.24
CA ALA A 110 27.79 -20.80 17.39
C ALA A 110 28.64 -21.07 16.13
N ASN A 111 28.04 -21.67 15.10
CA ASN A 111 28.77 -22.21 13.96
C ASN A 111 27.77 -22.64 12.89
N TRP A 112 28.23 -22.92 11.66
CA TRP A 112 27.36 -23.52 10.65
C TRP A 112 27.54 -25.05 10.60
N TYR A 113 26.66 -25.75 11.31
CA TYR A 113 26.75 -27.20 11.47
C TYR A 113 26.15 -28.01 10.30
N PHE A 114 25.50 -27.35 9.33
CA PHE A 114 24.52 -28.02 8.48
C PHE A 114 24.92 -28.38 7.03
N GLY A 115 26.21 -28.37 6.72
CA GLY A 115 26.65 -28.76 5.37
C GLY A 115 26.36 -27.72 4.30
N ASN A 116 26.73 -28.02 3.06
CA ASN A 116 26.72 -27.01 1.99
C ASN A 116 25.41 -26.91 1.21
N PHE A 117 24.65 -28.00 1.14
CA PHE A 117 23.36 -28.00 0.48
C PHE A 117 22.38 -27.11 1.25
N LEU A 118 22.38 -27.23 2.58
CA LEU A 118 21.49 -26.43 3.40
C LEU A 118 21.96 -25.00 3.47
N CYS A 119 23.26 -24.76 3.29
CA CYS A 119 23.79 -23.39 3.22
C CYS A 119 23.24 -22.69 2.00
N LYS A 120 23.18 -23.40 0.88
CA LYS A 120 22.64 -22.85 -0.35
C LYS A 120 21.15 -22.62 -0.24
N ALA A 121 20.46 -23.58 0.38
CA ALA A 121 19.01 -23.55 0.49
C ALA A 121 18.57 -22.38 1.33
N VAL A 122 19.39 -22.01 2.30
CA VAL A 122 19.09 -20.90 3.18
C VAL A 122 19.13 -19.56 2.42
N HIS A 123 20.13 -19.38 1.58
CA HIS A 123 20.24 -18.16 0.80
C HIS A 123 19.22 -18.13 -0.35
N VAL A 124 18.96 -19.30 -0.93
CA VAL A 124 17.98 -19.41 -2.00
C VAL A 124 16.62 -18.93 -1.49
N ILE A 125 16.11 -19.62 -0.47
CA ILE A 125 14.80 -19.29 0.10
C ILE A 125 14.70 -17.77 0.35
N TYR A 126 15.78 -17.19 0.85
CA TYR A 126 15.77 -15.78 1.19
C TYR A 126 15.53 -14.93 -0.06
N THR A 127 16.24 -15.28 -1.14
CA THR A 127 16.11 -14.54 -2.38
C THR A 127 14.70 -14.68 -2.93
N VAL A 128 14.12 -15.87 -2.81
CA VAL A 128 12.77 -16.10 -3.33
C VAL A 128 11.80 -15.22 -2.55
N ASN A 129 11.82 -15.36 -1.22
CA ASN A 129 10.93 -14.60 -0.35
C ASN A 129 10.94 -13.10 -0.62
N LEU A 130 12.11 -12.46 -0.54
CA LEU A 130 12.13 -11.00 -0.61
C LEU A 130 11.69 -10.48 -1.98
N TYR A 131 11.90 -11.26 -3.04
CA TYR A 131 11.37 -10.92 -4.37
C TYR A 131 9.89 -11.27 -4.51
N SER A 132 9.52 -12.52 -4.26
CA SER A 132 8.12 -12.90 -4.35
C SER A 132 7.28 -12.03 -3.41
N SER A 133 7.72 -11.93 -2.17
CA SER A 133 6.94 -11.20 -1.15
C SER A 133 6.54 -9.81 -1.63
N VAL A 134 7.46 -9.04 -2.21
CA VAL A 134 7.06 -7.68 -2.61
C VAL A 134 6.22 -7.74 -3.88
N TRP A 135 6.62 -8.56 -4.84
CA TRP A 135 5.93 -8.56 -6.12
C TRP A 135 4.48 -9.06 -6.03
N ILE A 136 4.18 -9.99 -5.11
CA ILE A 136 2.80 -10.39 -4.84
C ILE A 136 1.97 -9.16 -4.40
N LEU A 137 2.53 -8.32 -3.54
CA LEU A 137 1.89 -7.05 -3.18
C LEU A 137 1.55 -6.23 -4.45
N ALA A 138 2.50 -6.07 -5.36
CA ALA A 138 2.23 -5.36 -6.64
C ALA A 138 0.99 -5.93 -7.35
N PHE A 139 0.90 -7.25 -7.41
CA PHE A 139 -0.25 -7.90 -8.04
C PHE A 139 -1.57 -7.56 -7.33
N ILE A 140 -1.52 -7.57 -6.00
CA ILE A 140 -2.65 -7.10 -5.21
C ILE A 140 -3.03 -5.67 -5.65
N SER A 141 -2.04 -4.80 -5.76
CA SER A 141 -2.26 -3.43 -6.21
C SER A 141 -2.83 -3.35 -7.64
N LEU A 142 -2.38 -4.23 -8.53
CA LEU A 142 -2.96 -4.30 -9.87
C LEU A 142 -4.38 -4.83 -9.80
N ASP A 143 -4.59 -5.82 -8.94
CA ASP A 143 -5.92 -6.37 -8.75
C ASP A 143 -6.94 -5.28 -8.41
N ARG A 144 -6.56 -4.40 -7.48
CA ARG A 144 -7.40 -3.25 -7.08
C ARG A 144 -7.60 -2.27 -8.22
N TYR A 145 -6.53 -2.00 -8.95
CA TYR A 145 -6.63 -1.11 -10.09
C TYR A 145 -7.72 -1.63 -11.05
N LEU A 146 -7.71 -2.93 -11.30
CA LEU A 146 -8.68 -3.55 -12.21
C LEU A 146 -10.09 -3.54 -11.61
N ALA A 147 -10.20 -3.91 -10.34
CA ALA A 147 -11.51 -4.01 -9.70
C ALA A 147 -12.19 -2.64 -9.63
N ILE A 148 -11.39 -1.58 -9.44
CA ILE A 148 -11.93 -0.24 -9.23
C ILE A 148 -11.96 0.60 -10.49
N VAL A 149 -10.83 0.77 -11.18
CA VAL A 149 -10.84 1.61 -12.38
C VAL A 149 -11.68 0.98 -13.48
N HIS A 150 -11.61 -0.33 -13.62
CA HIS A 150 -12.33 -1.05 -14.69
C HIS A 150 -13.41 -2.00 -14.18
N ALA A 151 -14.14 -1.54 -13.16
CA ALA A 151 -15.10 -2.35 -12.44
C ALA A 151 -16.19 -2.99 -13.33
N THR A 152 -16.60 -2.28 -14.37
CA THR A 152 -17.73 -2.69 -15.24
C THR A 152 -17.55 -4.09 -15.85
N ASN A 153 -16.39 -4.34 -16.47
CA ASN A 153 -15.97 -5.72 -16.76
C ASN A 153 -14.46 -5.91 -16.83
N SER A 154 -13.93 -6.28 -15.66
CA SER A 154 -12.56 -6.73 -15.49
C SER A 154 -12.56 -7.99 -14.61
N GLN A 155 -13.70 -8.64 -14.50
CA GLN A 155 -13.81 -9.86 -13.72
C GLN A 155 -12.92 -10.96 -14.33
N ARG A 156 -12.83 -10.96 -15.65
CA ARG A 156 -11.98 -11.89 -16.40
C ARG A 156 -10.48 -11.70 -16.14
N PRO A 157 -9.91 -10.57 -16.59
CA PRO A 157 -8.47 -10.40 -16.45
C PRO A 157 -7.98 -10.46 -14.99
N ARG A 158 -8.86 -10.16 -14.04
CA ARG A 158 -8.53 -10.30 -12.62
C ARG A 158 -8.37 -11.77 -12.24
N LYS A 159 -9.20 -12.63 -12.83
CA LYS A 159 -9.11 -14.07 -12.61
C LYS A 159 -7.80 -14.64 -13.13
N LEU A 160 -7.45 -14.32 -14.37
CA LEU A 160 -6.21 -14.84 -14.96
C LEU A 160 -4.98 -14.30 -14.25
N LEU A 161 -5.06 -13.10 -13.71
CA LEU A 161 -3.93 -12.54 -12.96
C LEU A 161 -3.70 -13.39 -11.72
N ALA A 162 -4.80 -13.76 -11.06
CA ALA A 162 -4.74 -14.52 -9.81
C ALA A 162 -4.46 -16.01 -10.01
N GLU A 163 -5.11 -16.61 -11.02
CA GLU A 163 -5.01 -18.06 -11.26
C GLU A 163 -3.82 -18.47 -12.14
N LYS A 164 -3.42 -17.61 -13.08
CA LYS A 164 -2.36 -17.95 -14.04
C LYS A 164 -1.12 -17.05 -13.97
N VAL A 165 -1.28 -15.78 -14.30
CA VAL A 165 -0.12 -14.87 -14.43
C VAL A 165 0.77 -14.87 -13.20
N VAL A 166 0.17 -14.96 -12.02
CA VAL A 166 0.95 -14.93 -10.78
C VAL A 166 2.14 -15.89 -10.81
N TYR A 167 1.97 -17.03 -11.47
CA TYR A 167 3.03 -18.03 -11.58
C TYR A 167 4.10 -17.64 -12.61
N VAL A 168 3.65 -17.11 -13.74
CA VAL A 168 4.54 -16.67 -14.81
C VAL A 168 5.31 -15.37 -14.51
N GLY A 169 4.78 -14.56 -13.59
CA GLY A 169 5.34 -13.23 -13.34
C GLY A 169 5.90 -12.98 -11.96
N VAL A 170 5.70 -13.92 -11.04
CA VAL A 170 6.19 -13.76 -9.68
C VAL A 170 7.09 -14.94 -9.30
N TRP A 171 6.55 -16.16 -9.26
CA TRP A 171 7.33 -17.31 -8.80
C TRP A 171 8.48 -17.66 -9.75
N ILE A 172 8.17 -18.16 -10.94
CA ILE A 172 9.21 -18.53 -11.90
C ILE A 172 10.33 -17.48 -11.92
N PRO A 173 9.99 -16.20 -12.16
CA PRO A 173 11.08 -15.21 -12.12
C PRO A 173 11.78 -15.12 -10.76
N ALA A 174 11.05 -15.26 -9.67
CA ALA A 174 11.72 -15.36 -8.37
C ALA A 174 12.67 -16.56 -8.38
N LEU A 175 12.19 -17.72 -8.77
CA LEU A 175 13.02 -18.93 -8.81
C LEU A 175 14.27 -18.77 -9.70
N LEU A 176 14.12 -18.22 -10.89
CA LEU A 176 15.28 -18.02 -11.78
C LEU A 176 16.33 -17.04 -11.21
N LEU A 177 15.90 -16.08 -10.40
CA LEU A 177 16.81 -15.14 -9.75
C LEU A 177 17.67 -15.77 -8.62
N THR A 178 17.32 -16.97 -8.17
CA THR A 178 18.12 -17.63 -7.15
C THR A 178 19.37 -18.27 -7.74
N ILE A 179 19.45 -18.35 -9.07
CA ILE A 179 20.60 -19.00 -9.72
C ILE A 179 21.95 -18.65 -9.04
N PRO A 180 22.27 -17.36 -8.88
CA PRO A 180 23.49 -16.94 -8.21
C PRO A 180 23.68 -17.51 -6.80
N ASP A 181 22.59 -17.70 -6.08
CA ASP A 181 22.67 -18.27 -4.76
C ASP A 181 23.19 -19.71 -4.86
N PHE A 182 22.61 -20.52 -5.75
CA PHE A 182 23.12 -21.88 -6.00
C PHE A 182 24.60 -21.87 -6.31
N ILE A 183 25.04 -20.90 -7.12
CA ILE A 183 26.44 -20.84 -7.53
C ILE A 183 27.34 -20.37 -6.38
N PHE A 184 27.09 -19.17 -5.85
CA PHE A 184 28.02 -18.48 -4.95
C PHE A 184 27.83 -18.70 -3.46
N ALA A 185 26.71 -19.28 -3.04
CA ALA A 185 26.48 -19.58 -1.62
C ALA A 185 27.25 -20.83 -1.23
N ASN A 186 28.31 -20.67 -0.44
CA ASN A 186 29.16 -21.80 -0.03
C ASN A 186 29.67 -21.65 1.42
N VAL A 187 30.01 -22.78 2.04
CA VAL A 187 30.55 -22.78 3.41
C VAL A 187 32.03 -22.49 3.38
N SER A 188 32.49 -21.64 4.29
CA SER A 188 33.90 -21.28 4.41
C SER A 188 34.37 -21.45 5.87
N GLU A 189 35.58 -21.96 6.04
CA GLU A 189 36.18 -22.13 7.37
C GLU A 189 36.89 -20.83 7.73
N ALA A 190 36.53 -20.25 8.87
CA ALA A 190 37.07 -18.96 9.29
C ALA A 190 37.04 -18.78 10.82
N ASP A 191 38.22 -18.71 11.43
CA ASP A 191 38.36 -18.42 12.87
C ASP A 191 37.79 -19.59 13.72
N ASP A 192 38.31 -20.79 13.43
CA ASP A 192 37.94 -22.07 14.10
C ASP A 192 36.44 -22.43 14.09
N ARG A 193 35.72 -21.88 13.12
CA ARG A 193 34.30 -22.18 12.92
C ARG A 193 33.97 -22.15 11.42
N TYR A 194 32.77 -22.61 11.09
CA TYR A 194 32.26 -22.55 9.73
C TYR A 194 31.25 -21.40 9.54
N ILE A 195 31.28 -20.81 8.35
CA ILE A 195 30.39 -19.69 8.00
C ILE A 195 29.76 -19.97 6.63
N CYS A 196 28.58 -19.39 6.41
CA CYS A 196 27.81 -19.62 5.20
C CYS A 196 27.53 -18.28 4.56
N ASP A 197 28.40 -17.88 3.64
CA ASP A 197 28.35 -16.60 2.96
C ASP A 197 28.18 -16.76 1.45
N ARG A 198 27.63 -15.75 0.79
CA ARG A 198 27.73 -15.59 -0.67
C ARG A 198 29.05 -14.92 -1.02
N PHE A 199 29.90 -15.64 -1.74
CA PHE A 199 31.19 -15.12 -2.14
C PHE A 199 31.22 -15.03 -3.65
N TYR A 200 31.17 -13.81 -4.15
CA TYR A 200 31.23 -13.55 -5.59
C TYR A 200 32.68 -13.36 -6.03
N PRO A 201 32.94 -13.37 -7.35
CA PRO A 201 34.32 -13.18 -7.82
C PRO A 201 34.98 -11.85 -7.46
N ASN A 202 34.29 -10.73 -7.64
CA ASN A 202 34.88 -9.40 -7.34
C ASN A 202 33.86 -8.27 -7.19
N ASP A 203 34.35 -7.09 -6.82
CA ASP A 203 33.49 -5.90 -6.65
C ASP A 203 32.60 -5.60 -7.84
N LEU A 204 33.04 -5.94 -9.05
CA LEU A 204 32.22 -5.66 -10.24
C LEU A 204 30.90 -6.40 -10.08
N TRP A 205 30.98 -7.70 -9.85
CA TRP A 205 29.80 -8.52 -9.58
C TRP A 205 28.94 -7.92 -8.48
N VAL A 206 29.57 -7.63 -7.36
CA VAL A 206 28.84 -7.29 -6.16
C VAL A 206 27.99 -6.05 -6.37
N VAL A 207 28.56 -4.98 -6.91
CA VAL A 207 27.83 -3.73 -7.11
C VAL A 207 26.63 -3.89 -8.02
N VAL A 208 26.76 -4.73 -9.05
CA VAL A 208 25.70 -4.91 -10.02
C VAL A 208 24.48 -5.61 -9.42
N PHE A 209 24.73 -6.70 -8.72
CA PHE A 209 23.67 -7.47 -8.10
C PHE A 209 23.04 -6.73 -6.93
N GLN A 210 23.85 -5.97 -6.20
CA GLN A 210 23.37 -5.10 -5.14
C GLN A 210 22.48 -3.99 -5.71
N PHE A 211 22.76 -3.59 -6.94
CA PHE A 211 21.92 -2.62 -7.65
C PHE A 211 20.65 -3.30 -8.19
N GLN A 212 20.79 -4.46 -8.82
CA GLN A 212 19.64 -5.31 -9.18
C GLN A 212 18.73 -5.55 -7.98
N HIS A 213 19.33 -5.80 -6.82
CA HIS A 213 18.60 -6.03 -5.58
C HIS A 213 17.72 -4.83 -5.18
N ILE A 214 18.28 -3.64 -5.24
CA ILE A 214 17.52 -2.47 -4.92
C ILE A 214 16.40 -2.31 -5.91
N MET A 215 16.74 -2.46 -7.18
CA MET A 215 15.83 -2.13 -8.24
C MET A 215 14.62 -3.06 -8.20
N VAL A 216 14.88 -4.36 -8.22
CA VAL A 216 13.81 -5.35 -8.23
C VAL A 216 13.10 -5.40 -6.89
N GLY A 217 13.84 -5.17 -5.81
CA GLY A 217 13.33 -5.21 -4.43
C GLY A 217 12.40 -4.09 -3.94
N LEU A 218 12.74 -2.81 -4.21
CA LEU A 218 11.79 -1.67 -4.01
C LEU A 218 11.43 -0.93 -5.29
N ILE A 219 12.44 -0.41 -5.98
CA ILE A 219 12.17 0.70 -6.87
C ILE A 219 11.14 0.35 -7.90
N LEU A 220 11.29 -0.83 -8.50
CA LEU A 220 10.39 -1.23 -9.55
C LEU A 220 9.01 -1.51 -8.98
N PRO A 221 8.91 -2.49 -8.07
CA PRO A 221 7.56 -2.79 -7.59
C PRO A 221 6.92 -1.56 -6.95
N GLY A 222 7.74 -0.67 -6.40
CA GLY A 222 7.25 0.57 -5.83
C GLY A 222 6.53 1.40 -6.88
N ILE A 223 7.21 1.63 -8.00
CA ILE A 223 6.63 2.36 -9.12
C ILE A 223 5.36 1.68 -9.56
N VAL A 224 5.31 0.36 -9.61
CA VAL A 224 4.05 -0.26 -10.01
C VAL A 224 2.98 0.16 -9.01
N ILE A 225 3.28 0.01 -7.71
CA ILE A 225 2.28 0.24 -6.68
C ILE A 225 1.79 1.68 -6.77
N LEU A 226 2.72 2.63 -6.75
CA LEU A 226 2.36 4.04 -6.77
C LEU A 226 1.50 4.38 -7.98
N SER A 227 1.82 3.80 -9.14
CA SER A 227 1.02 4.03 -10.33
C SER A 227 -0.41 3.60 -10.08
N CYS A 228 -0.59 2.37 -9.60
CA CYS A 228 -1.93 1.86 -9.24
C CYS A 228 -2.68 2.83 -8.29
N TYR A 229 -1.99 3.25 -7.23
CA TYR A 229 -2.57 4.18 -6.23
C TYR A 229 -3.08 5.45 -6.91
N CYS A 230 -2.20 6.15 -7.62
CA CYS A 230 -2.54 7.36 -8.35
C CYS A 230 -3.79 7.25 -9.20
N ILE A 231 -3.89 6.18 -9.99
CA ILE A 231 -5.02 6.05 -10.91
C ILE A 231 -6.32 5.82 -10.16
N ILE A 232 -6.26 5.06 -9.06
CA ILE A 232 -7.44 4.76 -8.25
C ILE A 232 -8.07 6.04 -7.63
N ILE A 233 -7.25 6.88 -6.99
CA ILE A 233 -7.77 8.06 -6.30
C ILE A 233 -8.40 8.99 -7.33
N SER A 234 -7.85 9.00 -8.54
CA SER A 234 -8.43 9.73 -9.65
C SER A 234 -9.80 9.17 -10.00
N LYS A 235 -9.94 7.84 -9.99
CA LYS A 235 -11.24 7.21 -10.24
C LYS A 235 -12.19 7.41 -9.07
N LEU A 236 -11.66 7.37 -7.85
CA LEU A 236 -12.49 7.52 -6.65
C LEU A 236 -13.22 8.86 -6.71
N SER A 237 -12.53 9.91 -7.12
CA SER A 237 -13.11 11.25 -7.11
C SER A 237 -14.03 11.46 -8.30
N HIS A 238 -13.75 10.79 -9.41
CA HIS A 238 -14.68 10.81 -10.54
C HIS A 238 -15.97 10.08 -10.20
N ASN A 239 -15.89 9.04 -9.36
CA ASN A 239 -17.09 8.35 -8.93
C ASN A 239 -18.01 9.30 -8.14
N ILE A 240 -17.42 10.07 -7.24
CA ILE A 240 -18.18 11.08 -6.52
C ILE A 240 -18.91 11.97 -7.53
N PHE A 241 -18.17 12.47 -8.52
CA PHE A 241 -18.73 13.36 -9.56
C PHE A 241 -19.94 12.77 -10.27
N GLU A 242 -19.91 11.47 -10.55
CA GLU A 242 -21.02 10.80 -11.21
C GLU A 242 -22.16 10.62 -10.24
N MET A 243 -21.85 10.52 -8.96
CA MET A 243 -22.89 10.32 -7.95
C MET A 243 -23.76 11.58 -7.84
N LEU A 244 -23.13 12.73 -7.65
CA LEU A 244 -23.88 13.98 -7.51
C LEU A 244 -24.50 14.40 -8.85
N ARG A 245 -23.94 13.90 -9.95
CA ARG A 245 -24.57 14.03 -11.26
C ARG A 245 -25.99 13.49 -11.26
N ILE A 246 -26.18 12.30 -10.70
CA ILE A 246 -27.52 11.71 -10.59
C ILE A 246 -28.37 12.45 -9.56
N ASP A 247 -27.84 12.64 -8.36
CA ASP A 247 -28.61 13.19 -7.24
C ASP A 247 -28.90 14.68 -7.43
N GLU A 248 -27.86 15.49 -7.55
CA GLU A 248 -27.99 16.95 -7.65
C GLU A 248 -28.18 17.43 -9.09
N GLY A 249 -27.78 16.62 -10.07
CA GLY A 249 -27.94 16.97 -11.49
C GLY A 249 -26.85 17.85 -12.10
N LEU A 250 -26.40 17.47 -13.30
CA LEU A 250 -25.43 18.25 -14.08
C LEU A 250 -26.13 19.29 -14.97
N ARG A 251 -25.71 20.56 -14.81
CA ARG A 251 -26.25 21.69 -15.58
C ARG A 251 -25.16 22.39 -16.37
N LEU A 252 -25.11 22.17 -17.68
CA LEU A 252 -24.09 22.78 -18.52
C LEU A 252 -24.42 24.21 -18.98
N LYS A 253 -25.61 24.70 -18.67
CA LYS A 253 -26.03 26.08 -18.97
C LYS A 253 -26.44 26.76 -17.68
N ILE A 254 -26.14 28.05 -17.55
CA ILE A 254 -26.61 28.80 -16.37
C ILE A 254 -28.11 28.61 -16.15
N TYR A 255 -28.49 28.44 -14.89
CA TYR A 255 -29.82 27.96 -14.53
C TYR A 255 -30.37 28.79 -13.37
N LYS A 256 -31.62 29.22 -13.46
CA LYS A 256 -32.25 29.91 -12.34
C LYS A 256 -33.07 28.90 -11.52
N ASP A 257 -32.61 28.55 -10.32
CA ASP A 257 -33.27 27.51 -9.50
C ASP A 257 -34.56 28.02 -8.87
N THR A 258 -35.21 27.21 -8.03
CA THR A 258 -36.55 27.57 -7.53
C THR A 258 -36.55 28.79 -6.60
N GLU A 259 -35.37 29.16 -6.09
CA GLU A 259 -35.24 30.30 -5.19
C GLU A 259 -34.71 31.55 -5.91
N GLY A 260 -34.56 31.45 -7.24
CA GLY A 260 -34.12 32.58 -8.05
C GLY A 260 -32.61 32.77 -8.12
N TYR A 261 -31.84 31.82 -7.58
CA TYR A 261 -30.38 31.95 -7.58
C TYR A 261 -29.81 31.37 -8.87
N TYR A 262 -28.74 31.98 -9.34
CA TYR A 262 -28.11 31.55 -10.58
C TYR A 262 -27.05 30.52 -10.25
N THR A 263 -27.11 29.39 -10.94
CA THR A 263 -26.31 28.22 -10.59
C THR A 263 -25.87 27.52 -11.87
N ILE A 264 -24.71 26.89 -11.81
CA ILE A 264 -24.25 26.08 -12.93
C ILE A 264 -23.56 24.81 -12.43
N GLY A 265 -23.46 23.82 -13.30
CA GLY A 265 -22.76 22.57 -13.01
C GLY A 265 -23.52 21.68 -12.03
N ILE A 266 -22.76 21.07 -11.12
CA ILE A 266 -23.35 20.28 -10.04
C ILE A 266 -23.58 21.17 -8.82
N GLY A 267 -24.79 21.74 -8.74
CA GLY A 267 -25.22 22.53 -7.59
C GLY A 267 -24.29 23.64 -7.16
N HIS A 268 -23.51 24.20 -8.10
CA HIS A 268 -22.58 25.29 -7.78
C HIS A 268 -23.27 26.63 -7.99
N LEU A 269 -23.59 27.31 -6.89
CA LEU A 269 -24.26 28.61 -6.95
C LEU A 269 -23.28 29.72 -7.41
N LEU A 270 -23.68 30.44 -8.46
CA LEU A 270 -22.86 31.51 -9.07
C LEU A 270 -23.10 32.88 -8.42
N THR A 271 -24.36 33.26 -8.28
CA THR A 271 -24.73 34.49 -7.61
C THR A 271 -26.17 34.44 -7.10
N LYS A 272 -26.41 35.11 -5.96
CA LYS A 272 -27.76 35.31 -5.41
C LYS A 272 -28.41 36.57 -5.99
N SER A 273 -27.61 37.40 -6.62
CA SER A 273 -28.06 38.70 -7.12
C SER A 273 -29.07 38.52 -8.27
N PRO A 274 -30.02 39.45 -8.42
CA PRO A 274 -31.00 39.42 -9.52
C PRO A 274 -30.38 39.39 -10.91
N SER A 275 -29.25 40.04 -11.09
CA SER A 275 -28.60 40.16 -12.40
C SER A 275 -28.25 38.81 -13.05
N LEU A 276 -28.74 38.60 -14.28
CA LEU A 276 -28.21 37.58 -15.18
C LEU A 276 -26.75 37.90 -15.53
N ASN A 277 -26.47 39.19 -15.77
CA ASN A 277 -25.12 39.68 -16.08
C ASN A 277 -24.09 39.51 -14.97
N ALA A 278 -24.55 39.46 -13.73
CA ALA A 278 -23.67 39.15 -12.59
C ALA A 278 -23.32 37.66 -12.61
N ALA A 279 -24.34 36.82 -12.73
CA ALA A 279 -24.18 35.38 -12.89
C ALA A 279 -23.24 35.05 -14.04
N LYS A 280 -23.34 35.84 -15.11
CA LYS A 280 -22.53 35.65 -16.31
C LYS A 280 -21.09 36.03 -15.98
N SER A 281 -20.95 37.06 -15.15
CA SER A 281 -19.65 37.64 -14.81
C SER A 281 -18.86 36.78 -13.83
N GLU A 282 -19.57 36.00 -13.02
CA GLU A 282 -18.92 35.10 -12.06
C GLU A 282 -18.43 33.83 -12.75
N LEU A 283 -19.33 33.21 -13.48
CA LEU A 283 -19.01 32.02 -14.27
C LEU A 283 -17.71 32.16 -15.06
N ASP A 284 -17.48 33.34 -15.63
CA ASP A 284 -16.26 33.60 -16.39
C ASP A 284 -15.05 33.61 -15.46
N LYS A 285 -15.20 34.27 -14.31
CA LYS A 285 -14.14 34.36 -13.32
C LYS A 285 -13.84 32.98 -12.73
N ALA A 286 -14.85 32.12 -12.67
CA ALA A 286 -14.70 30.77 -12.13
C ALA A 286 -13.98 29.83 -13.10
N ILE A 287 -14.33 29.88 -14.38
CA ILE A 287 -13.76 28.99 -15.39
C ILE A 287 -12.50 29.58 -16.04
N GLY A 288 -12.41 30.91 -16.07
CA GLY A 288 -11.20 31.61 -16.55
C GLY A 288 -11.20 32.03 -18.02
N ARG A 289 -12.32 31.86 -18.70
CA ARG A 289 -12.46 32.25 -20.11
C ARG A 289 -13.77 33.01 -20.32
N ASN A 290 -14.07 33.36 -21.57
CA ASN A 290 -15.34 34.01 -21.88
C ASN A 290 -16.36 33.01 -22.37
N THR A 291 -17.03 32.35 -21.43
CA THR A 291 -18.21 31.55 -21.74
C THR A 291 -19.31 32.51 -22.11
N ASN A 292 -20.38 32.02 -22.71
CA ASN A 292 -21.57 32.84 -22.91
C ASN A 292 -22.68 32.31 -22.02
N GLY A 293 -22.29 31.70 -20.89
CA GLY A 293 -23.23 31.05 -20.00
C GLY A 293 -23.36 29.56 -20.21
N VAL A 294 -22.52 28.98 -21.10
CA VAL A 294 -22.40 27.51 -21.18
C VAL A 294 -20.99 27.07 -20.89
N ILE A 295 -20.88 25.88 -20.31
CA ILE A 295 -19.58 25.27 -20.04
C ILE A 295 -19.58 23.81 -20.51
N THR A 296 -18.38 23.22 -20.57
CA THR A 296 -18.20 21.85 -21.08
C THR A 296 -18.25 20.84 -19.95
N LYS A 297 -18.23 19.54 -20.30
CA LYS A 297 -18.24 18.47 -19.28
C LYS A 297 -16.95 18.49 -18.43
N ASP A 298 -15.80 18.63 -19.09
CA ASP A 298 -14.51 18.72 -18.39
C ASP A 298 -14.50 19.83 -17.36
N GLU A 299 -15.08 20.96 -17.72
CA GLU A 299 -15.04 22.16 -16.88
C GLU A 299 -15.95 22.03 -15.66
N ALA A 300 -17.18 21.58 -15.89
CA ALA A 300 -18.10 21.25 -14.81
C ALA A 300 -17.41 20.40 -13.74
N GLU A 301 -16.61 19.43 -14.17
CA GLU A 301 -15.94 18.49 -13.25
C GLU A 301 -14.78 19.13 -12.49
N LYS A 302 -13.95 19.89 -13.18
CA LYS A 302 -12.85 20.61 -12.54
C LYS A 302 -13.41 21.49 -11.42
N LEU A 303 -14.52 22.15 -11.72
CA LEU A 303 -15.21 23.01 -10.78
C LEU A 303 -15.82 22.20 -9.64
N PHE A 304 -16.35 21.04 -9.97
CA PHE A 304 -16.90 20.13 -8.95
C PHE A 304 -15.80 19.63 -8.03
N ASN A 305 -14.65 19.28 -8.59
CA ASN A 305 -13.55 18.80 -7.75
C ASN A 305 -13.14 19.84 -6.72
N GLN A 306 -13.05 21.10 -7.13
CA GLN A 306 -12.77 22.19 -6.20
C GLN A 306 -13.78 22.24 -5.07
N ASP A 307 -15.05 22.05 -5.37
CA ASP A 307 -16.09 22.06 -4.35
C ASP A 307 -16.04 20.79 -3.48
N VAL A 308 -15.53 19.69 -4.00
CA VAL A 308 -15.30 18.52 -3.16
C VAL A 308 -14.17 18.85 -2.16
N ASP A 309 -13.06 19.37 -2.68
CA ASP A 309 -11.90 19.76 -1.87
C ASP A 309 -12.33 20.58 -0.66
N ALA A 310 -12.94 21.73 -0.92
CA ALA A 310 -13.45 22.61 0.13
C ALA A 310 -14.34 21.87 1.13
N ALA A 311 -15.23 21.03 0.62
CA ALA A 311 -16.17 20.30 1.47
C ALA A 311 -15.43 19.36 2.40
N VAL A 312 -14.45 18.66 1.83
CA VAL A 312 -13.64 17.71 2.59
C VAL A 312 -12.78 18.41 3.65
N ARG A 313 -12.23 19.58 3.32
CA ARG A 313 -11.51 20.39 4.29
C ARG A 313 -12.41 20.80 5.46
N GLY A 314 -13.64 21.21 5.16
CA GLY A 314 -14.64 21.47 6.18
C GLY A 314 -14.85 20.28 7.10
N ILE A 315 -15.00 19.08 6.54
CA ILE A 315 -15.24 17.87 7.31
C ILE A 315 -14.07 17.56 8.25
N LEU A 316 -12.85 17.64 7.73
CA LEU A 316 -11.66 17.43 8.54
C LEU A 316 -11.50 18.46 9.66
N ARG A 317 -12.18 19.60 9.54
CA ARG A 317 -12.10 20.66 10.56
C ARG A 317 -13.40 20.78 11.34
N ASN A 318 -14.01 19.64 11.67
CA ASN A 318 -15.31 19.64 12.32
C ASN A 318 -15.40 18.52 13.36
N ALA A 319 -15.29 18.88 14.64
CA ALA A 319 -15.23 17.90 15.74
C ALA A 319 -16.15 16.69 15.56
N LYS A 320 -17.37 16.92 15.06
CA LYS A 320 -18.36 15.86 14.85
C LYS A 320 -18.03 14.99 13.64
N LEU A 321 -17.80 15.61 12.50
CA LEU A 321 -17.67 14.87 11.25
C LEU A 321 -16.30 14.21 11.04
N LYS A 322 -15.23 14.84 11.48
CA LYS A 322 -13.89 14.30 11.28
C LYS A 322 -13.81 12.81 11.71
N PRO A 323 -14.08 12.52 13.00
CA PRO A 323 -13.94 11.12 13.39
C PRO A 323 -14.76 10.14 12.51
N VAL A 324 -15.97 10.53 12.12
CA VAL A 324 -16.84 9.64 11.36
C VAL A 324 -16.30 9.41 9.96
N TYR A 325 -15.89 10.50 9.32
CA TYR A 325 -15.34 10.44 7.97
C TYR A 325 -14.07 9.59 7.92
N ASP A 326 -13.24 9.68 8.96
CA ASP A 326 -11.98 8.93 9.04
C ASP A 326 -12.16 7.42 9.17
N SER A 327 -13.21 7.01 9.88
CA SER A 327 -13.51 5.59 10.06
C SER A 327 -14.07 4.95 8.81
N LEU A 328 -14.74 5.75 7.99
CA LEU A 328 -15.41 5.27 6.78
C LEU A 328 -14.43 4.95 5.66
N ASP A 329 -14.93 4.15 4.71
CA ASP A 329 -14.21 3.74 3.50
C ASP A 329 -14.39 4.74 2.36
N ALA A 330 -13.79 4.44 1.21
CA ALA A 330 -13.87 5.29 0.02
C ALA A 330 -15.30 5.58 -0.42
N VAL A 331 -16.13 4.54 -0.46
CA VAL A 331 -17.51 4.64 -0.96
C VAL A 331 -18.44 5.35 0.02
N ARG A 332 -18.25 5.07 1.31
CA ARG A 332 -19.09 5.67 2.34
C ARG A 332 -18.71 7.11 2.61
N ARG A 333 -17.42 7.44 2.46
CA ARG A 333 -17.01 8.84 2.44
C ARG A 333 -17.83 9.61 1.42
N ALA A 334 -17.89 9.07 0.20
CA ALA A 334 -18.73 9.63 -0.86
C ALA A 334 -20.17 9.83 -0.41
N ALA A 335 -20.71 8.88 0.33
CA ALA A 335 -22.05 9.03 0.89
C ALA A 335 -22.16 10.28 1.74
N LEU A 336 -21.24 10.42 2.69
CA LEU A 336 -21.26 11.56 3.60
C LEU A 336 -21.07 12.88 2.84
N ILE A 337 -20.17 12.88 1.88
CA ILE A 337 -19.87 14.07 1.09
C ILE A 337 -21.12 14.52 0.34
N ASN A 338 -21.92 13.57 -0.13
CA ASN A 338 -23.17 13.88 -0.80
C ASN A 338 -24.04 14.69 0.13
N MET A 339 -24.25 14.17 1.34
CA MET A 339 -25.14 14.80 2.32
C MET A 339 -24.70 16.22 2.64
N VAL A 340 -23.40 16.40 2.88
CA VAL A 340 -22.86 17.73 3.10
C VAL A 340 -23.26 18.62 1.96
N PHE A 341 -22.92 18.24 0.74
CA PHE A 341 -23.26 19.05 -0.44
C PHE A 341 -24.70 19.53 -0.42
N GLN A 342 -25.61 18.67 -0.01
CA GLN A 342 -27.01 19.03 -0.05
C GLN A 342 -27.35 20.04 1.05
N MET A 343 -26.94 19.73 2.28
CA MET A 343 -27.44 20.44 3.45
C MET A 343 -26.40 21.16 4.31
N GLY A 344 -25.15 21.18 3.86
CA GLY A 344 -24.07 21.88 4.56
C GLY A 344 -23.66 21.11 5.79
N GLU A 345 -22.40 21.26 6.20
CA GLU A 345 -21.85 20.34 7.21
C GLU A 345 -22.51 20.41 8.60
N THR A 346 -22.95 21.59 9.02
CA THR A 346 -23.69 21.70 10.29
C THR A 346 -24.90 20.80 10.17
N GLY A 347 -25.65 21.02 9.09
CA GLY A 347 -26.82 20.20 8.78
C GLY A 347 -26.57 18.72 9.00
N VAL A 348 -25.55 18.19 8.35
CA VAL A 348 -25.25 16.75 8.45
C VAL A 348 -24.80 16.35 9.87
N ALA A 349 -24.11 17.26 10.56
CA ALA A 349 -23.62 16.98 11.91
C ALA A 349 -24.75 16.79 12.90
N GLY A 350 -25.95 17.24 12.54
CA GLY A 350 -27.13 17.10 13.38
C GLY A 350 -27.65 15.69 13.58
N PHE A 351 -27.34 14.77 12.68
CA PHE A 351 -27.82 13.39 12.82
C PHE A 351 -27.00 12.66 13.88
N THR A 352 -26.97 13.22 15.09
CA THR A 352 -26.25 12.66 16.22
C THR A 352 -26.22 11.14 16.25
N ASN A 353 -27.40 10.55 16.21
CA ASN A 353 -27.59 9.09 16.42
C ASN A 353 -27.02 8.26 15.28
N SER A 354 -27.54 8.54 14.08
CA SER A 354 -27.09 7.87 12.87
C SER A 354 -25.59 7.97 12.70
N LEU A 355 -25.03 9.14 12.98
CA LEU A 355 -23.58 9.35 12.93
C LEU A 355 -22.85 8.40 13.86
N ARG A 356 -23.31 8.31 15.10
CA ARG A 356 -22.64 7.46 16.07
C ARG A 356 -22.72 5.99 15.65
N MET A 357 -23.78 5.60 14.96
CA MET A 357 -23.89 4.23 14.41
C MET A 357 -22.92 4.00 13.26
N LEU A 358 -22.85 4.96 12.34
CA LEU A 358 -21.92 4.88 11.23
C LEU A 358 -20.50 4.64 11.78
N GLN A 359 -20.03 5.56 12.61
CA GLN A 359 -18.73 5.42 13.28
C GLN A 359 -18.50 4.01 13.85
N GLN A 360 -19.53 3.48 14.50
CA GLN A 360 -19.47 2.16 15.14
C GLN A 360 -19.72 1.00 14.17
N LYS A 361 -19.92 1.32 12.89
CA LYS A 361 -20.07 0.31 11.81
C LYS A 361 -21.36 -0.52 11.89
N ARG A 362 -22.38 -0.01 12.59
CA ARG A 362 -23.69 -0.68 12.67
C ARG A 362 -24.59 -0.09 11.60
N TRP A 363 -24.42 -0.59 10.38
CA TRP A 363 -24.95 0.05 9.17
C TRP A 363 -26.47 0.10 9.15
N ASP A 364 -27.12 -1.04 9.34
CA ASP A 364 -28.58 -1.13 9.19
C ASP A 364 -29.32 -0.20 10.13
N GLU A 365 -28.79 -0.05 11.35
CA GLU A 365 -29.37 0.85 12.34
C GLU A 365 -29.20 2.30 11.92
N ALA A 366 -28.08 2.60 11.26
CA ALA A 366 -27.85 3.93 10.72
C ALA A 366 -28.84 4.25 9.61
N ALA A 367 -29.19 3.23 8.82
CA ALA A 367 -30.09 3.39 7.69
C ALA A 367 -31.55 3.56 8.10
N VAL A 368 -31.95 2.92 9.20
CA VAL A 368 -33.34 2.99 9.67
C VAL A 368 -33.63 4.34 10.33
N ASN A 369 -32.66 4.88 11.07
CA ASN A 369 -32.77 6.21 11.68
C ASN A 369 -32.95 7.27 10.62
N LEU A 370 -32.00 7.30 9.69
CA LEU A 370 -31.99 8.26 8.59
C LEU A 370 -33.24 8.13 7.71
N ALA A 371 -33.75 6.90 7.58
CA ALA A 371 -34.97 6.62 6.81
C ALA A 371 -36.18 7.42 7.29
N LYS A 372 -36.18 7.82 8.56
CA LYS A 372 -37.21 8.72 9.06
C LYS A 372 -36.61 10.06 9.54
N SER A 373 -36.55 11.01 8.62
CA SER A 373 -36.03 12.34 8.89
C SER A 373 -36.73 13.31 7.95
N ARG A 374 -36.54 14.60 8.17
CA ARG A 374 -37.13 15.64 7.31
C ARG A 374 -36.41 15.62 5.96
N TRP A 375 -35.13 15.26 5.99
CA TRP A 375 -34.34 15.02 4.78
C TRP A 375 -35.00 13.97 3.87
N TYR A 376 -35.41 12.84 4.46
CA TYR A 376 -36.06 11.74 3.72
C TYR A 376 -37.40 12.13 3.06
N ASN A 377 -38.23 12.90 3.76
CA ASN A 377 -39.51 13.31 3.17
C ASN A 377 -39.35 14.33 2.05
N GLN A 378 -38.43 15.28 2.24
CA GLN A 378 -38.26 16.40 1.29
C GLN A 378 -37.62 15.96 -0.04
N THR A 379 -36.69 14.99 0.02
CA THR A 379 -36.00 14.46 -1.17
C THR A 379 -35.76 12.94 -1.01
N PRO A 380 -36.83 12.13 -1.22
CA PRO A 380 -36.84 10.74 -0.78
C PRO A 380 -36.05 9.75 -1.63
N ASN A 381 -35.96 10.00 -2.92
CA ASN A 381 -35.24 9.08 -3.79
C ASN A 381 -33.74 9.25 -3.63
N ARG A 382 -33.26 10.48 -3.66
CA ARG A 382 -31.86 10.77 -3.35
C ARG A 382 -31.46 10.17 -2.00
N ALA A 383 -32.27 10.44 -0.98
CA ALA A 383 -32.03 9.93 0.37
C ALA A 383 -31.85 8.42 0.40
N LYS A 384 -32.77 7.70 -0.24
CA LYS A 384 -32.79 6.23 -0.25
C LYS A 384 -31.54 5.61 -0.87
N ARG A 385 -31.07 6.22 -1.98
CA ARG A 385 -29.84 5.80 -2.65
C ARG A 385 -28.63 6.06 -1.76
N VAL A 386 -28.56 7.28 -1.24
CA VAL A 386 -27.50 7.67 -0.30
C VAL A 386 -27.50 6.76 0.93
N ILE A 387 -28.70 6.43 1.45
CA ILE A 387 -28.83 5.46 2.55
C ILE A 387 -28.39 4.04 2.17
N THR A 388 -28.84 3.55 1.01
CA THR A 388 -28.42 2.22 0.53
C THR A 388 -26.92 2.14 0.44
N THR A 389 -26.31 3.25 0.00
CA THR A 389 -24.86 3.38 -0.08
C THR A 389 -24.25 3.21 1.31
N PHE A 390 -24.78 3.92 2.29
CA PHE A 390 -24.31 3.79 3.67
C PHE A 390 -24.46 2.36 4.17
N ARG A 391 -25.54 1.68 3.79
CA ARG A 391 -25.74 0.31 4.26
C ARG A 391 -24.78 -0.69 3.60
N THR A 392 -24.70 -0.65 2.26
CA THR A 392 -23.96 -1.66 1.48
C THR A 392 -22.47 -1.37 1.32
N GLY A 393 -22.13 -0.09 1.17
CA GLY A 393 -20.75 0.31 0.87
C GLY A 393 -20.38 0.07 -0.58
N THR A 394 -21.40 0.04 -1.44
CA THR A 394 -21.23 -0.25 -2.87
C THR A 394 -22.03 0.77 -3.64
N TRP A 395 -22.00 0.69 -4.97
CA TRP A 395 -22.76 1.63 -5.81
C TRP A 395 -24.04 1.00 -6.39
N ASP A 396 -24.63 0.07 -5.66
CA ASP A 396 -25.86 -0.60 -6.10
C ASP A 396 -27.01 0.37 -6.45
N ALA A 397 -27.05 1.53 -5.79
CA ALA A 397 -28.06 2.53 -6.14
C ALA A 397 -27.64 3.37 -7.35
N TYR A 398 -26.54 3.00 -8.02
CA TYR A 398 -26.01 3.74 -9.16
C TYR A 398 -25.27 2.79 -10.13
N GLY A 402 -25.74 -4.64 -11.85
CA GLY A 402 -24.65 -4.90 -10.89
C GLY A 402 -25.14 -4.77 -9.47
N HIS A 403 -24.92 -5.80 -8.66
CA HIS A 403 -25.43 -5.84 -7.28
C HIS A 403 -24.55 -6.66 -6.30
N GLN A 404 -24.54 -6.24 -5.03
CA GLN A 404 -23.69 -6.81 -3.97
C GLN A 404 -22.26 -7.10 -4.43
N LYS A 405 -21.44 -6.05 -4.53
CA LYS A 405 -20.11 -6.17 -5.13
C LYS A 405 -19.03 -5.33 -4.44
N ARG A 406 -18.92 -5.40 -3.10
CA ARG A 406 -18.03 -4.49 -2.35
C ARG A 406 -16.57 -4.86 -2.47
N LYS A 407 -15.72 -3.88 -2.78
CA LYS A 407 -14.28 -4.08 -2.87
C LYS A 407 -13.52 -3.07 -2.00
N ALA A 408 -12.83 -3.59 -0.99
CA ALA A 408 -12.17 -2.77 0.02
C ALA A 408 -10.69 -2.56 -0.27
N LEU A 409 -10.20 -1.39 0.14
CA LEU A 409 -8.82 -0.94 -0.03
C LEU A 409 -8.05 -0.84 1.29
N LYS A 410 -8.73 -0.37 2.33
CA LYS A 410 -8.09 0.03 3.60
C LYS A 410 -7.12 -1.04 4.13
N PRO A 411 -7.57 -2.30 4.21
CA PRO A 411 -6.66 -3.35 4.70
C PRO A 411 -5.42 -3.54 3.82
N THR A 412 -5.58 -3.38 2.51
CA THR A 412 -4.45 -3.54 1.60
C THR A 412 -3.44 -2.42 1.78
N VAL A 413 -3.89 -1.17 1.75
CA VAL A 413 -2.99 -0.02 1.91
C VAL A 413 -2.13 -0.14 3.18
N ILE A 414 -2.71 -0.61 4.28
CA ILE A 414 -1.96 -0.79 5.53
C ILE A 414 -0.91 -1.88 5.41
N LEU A 415 -1.26 -2.99 4.78
CA LEU A 415 -0.31 -4.07 4.55
C LEU A 415 0.93 -3.57 3.79
N ILE A 416 0.70 -2.93 2.66
CA ILE A 416 1.81 -2.45 1.83
C ILE A 416 2.67 -1.41 2.54
N LEU A 417 2.07 -0.34 3.05
CA LEU A 417 2.84 0.67 3.79
C LEU A 417 3.65 0.05 4.91
N ALA A 418 3.01 -0.79 5.71
CA ALA A 418 3.71 -1.50 6.78
C ALA A 418 4.91 -2.27 6.24
N PHE A 419 4.71 -2.97 5.11
CA PHE A 419 5.76 -3.79 4.48
C PHE A 419 6.98 -2.95 4.09
N PHE A 420 6.74 -1.76 3.55
CA PHE A 420 7.83 -0.91 3.11
C PHE A 420 8.49 -0.16 4.26
N ALA A 421 7.69 0.24 5.25
CA ALA A 421 8.25 0.79 6.48
C ALA A 421 9.26 -0.20 7.04
N CYS A 422 8.88 -1.48 7.11
CA CYS A 422 9.83 -2.51 7.53
C CYS A 422 11.14 -2.43 6.76
N TRP A 423 11.10 -2.49 5.42
CA TRP A 423 12.32 -2.65 4.64
C TRP A 423 13.06 -1.36 4.37
N LEU A 424 12.39 -0.21 4.50
CA LEU A 424 12.97 1.04 3.99
C LEU A 424 14.33 1.35 4.59
N PRO A 425 14.47 1.22 5.92
CA PRO A 425 15.76 1.49 6.57
C PRO A 425 16.91 0.66 6.02
N TYR A 426 16.70 -0.63 5.83
CA TYR A 426 17.71 -1.49 5.19
C TYR A 426 18.16 -0.91 3.85
N TYR A 427 17.19 -0.50 3.04
CA TYR A 427 17.49 -0.11 1.66
C TYR A 427 18.17 1.24 1.59
N ILE A 428 17.76 2.18 2.44
CA ILE A 428 18.57 3.36 2.62
C ILE A 428 19.98 2.90 3.02
N GLY A 429 20.05 1.91 3.90
CA GLY A 429 21.33 1.38 4.38
C GLY A 429 22.20 0.95 3.23
N ILE A 430 21.72 -0.01 2.45
CA ILE A 430 22.55 -0.59 1.39
C ILE A 430 22.83 0.38 0.23
N SER A 431 21.93 1.35 0.00
CA SER A 431 22.23 2.47 -0.90
C SER A 431 23.53 3.16 -0.49
N ILE A 432 23.52 3.74 0.70
CA ILE A 432 24.68 4.44 1.18
C ILE A 432 25.93 3.55 1.08
N ASP A 433 25.77 2.27 1.41
CA ASP A 433 26.86 1.28 1.28
C ASP A 433 27.39 1.18 -0.15
N SER A 434 26.49 1.18 -1.13
CA SER A 434 26.90 1.12 -2.52
C SER A 434 27.43 2.46 -3.02
N PHE A 435 26.98 3.56 -2.43
CA PHE A 435 27.57 4.89 -2.72
C PHE A 435 29.01 4.94 -2.23
N ILE A 436 29.30 4.18 -1.17
CA ILE A 436 30.66 4.09 -0.65
C ILE A 436 31.50 3.25 -1.59
N LEU A 437 30.94 2.14 -2.05
CA LEU A 437 31.65 1.23 -2.95
C LEU A 437 32.10 1.93 -4.23
N LEU A 438 31.18 2.70 -4.81
CA LEU A 438 31.47 3.52 -5.99
C LEU A 438 32.47 4.65 -5.72
N GLU A 439 32.65 5.00 -4.44
CA GLU A 439 33.51 6.11 -4.01
C GLU A 439 32.86 7.49 -4.23
N ILE A 440 31.53 7.52 -4.34
CA ILE A 440 30.79 8.78 -4.35
C ILE A 440 30.97 9.47 -3.01
N ILE A 441 31.05 8.70 -1.93
CA ILE A 441 31.29 9.24 -0.59
C ILE A 441 32.46 8.54 0.10
N LYS A 442 33.53 9.31 0.34
CA LYS A 442 34.70 8.85 1.08
C LYS A 442 34.75 9.55 2.42
N GLN A 443 34.73 8.77 3.51
CA GLN A 443 34.61 9.34 4.86
C GLN A 443 35.33 8.50 5.95
N GLY A 444 36.31 7.71 5.56
CA GLY A 444 37.10 6.93 6.50
C GLY A 444 36.35 5.74 7.06
N CYS A 445 36.94 5.07 8.05
CA CYS A 445 36.40 3.79 8.55
C CYS A 445 35.29 3.90 9.60
N GLU A 446 35.26 4.97 10.40
CA GLU A 446 34.21 5.13 11.42
C GLU A 446 32.84 5.23 10.75
N PHE A 447 32.78 5.89 9.61
CA PHE A 447 31.56 6.05 8.83
C PHE A 447 31.17 4.70 8.21
N GLU A 448 32.09 4.15 7.43
CA GLU A 448 31.87 2.89 6.73
C GLU A 448 31.37 1.87 7.75
N ASN A 449 32.08 1.77 8.87
CA ASN A 449 31.75 0.78 9.88
C ASN A 449 30.41 1.05 10.52
N THR A 450 30.03 2.32 10.67
CA THR A 450 28.73 2.65 11.26
C THR A 450 27.60 2.24 10.32
N VAL A 451 27.85 2.33 9.02
CA VAL A 451 26.84 1.98 8.03
C VAL A 451 26.61 0.48 8.02
N HIS A 452 27.70 -0.28 8.13
CA HIS A 452 27.62 -1.73 8.26
C HIS A 452 26.80 -2.15 9.47
N LYS A 453 26.96 -1.41 10.56
CA LYS A 453 26.23 -1.71 11.79
C LYS A 453 24.73 -1.48 11.64
N TRP A 454 24.37 -0.35 11.03
CA TRP A 454 22.95 -0.02 10.72
C TRP A 454 22.28 -1.10 9.86
N ILE A 455 23.02 -1.61 8.87
CA ILE A 455 22.49 -2.61 7.96
C ILE A 455 22.18 -3.89 8.73
N SER A 456 23.03 -4.28 9.68
CA SER A 456 22.79 -5.52 10.44
C SER A 456 21.55 -5.40 11.30
N ILE A 457 21.48 -4.35 12.10
CA ILE A 457 20.27 -4.05 12.85
C ILE A 457 19.05 -4.06 11.95
N THR A 458 19.10 -3.25 10.89
CA THR A 458 17.93 -2.98 10.09
C THR A 458 17.52 -4.17 9.22
N GLU A 459 18.48 -5.03 8.86
CA GLU A 459 18.15 -6.29 8.18
C GLU A 459 17.35 -7.16 9.13
N ALA A 460 17.86 -7.31 10.34
CA ALA A 460 17.22 -8.17 11.34
C ALA A 460 15.80 -7.68 11.62
N LEU A 461 15.63 -6.37 11.75
CA LEU A 461 14.32 -5.79 12.07
C LEU A 461 13.35 -5.95 10.92
N ALA A 462 13.88 -5.98 9.69
CA ALA A 462 13.06 -6.16 8.50
C ALA A 462 12.28 -7.47 8.53
N PHE A 463 12.91 -8.53 9.04
CA PHE A 463 12.30 -9.88 9.03
C PHE A 463 10.93 -9.90 9.71
N PHE A 464 10.58 -8.86 10.46
CA PHE A 464 9.21 -8.71 10.98
C PHE A 464 8.15 -8.56 9.88
N HIS A 465 8.55 -8.43 8.63
CA HIS A 465 7.57 -8.38 7.54
C HIS A 465 6.77 -9.69 7.39
N CYS A 466 7.34 -10.81 7.80
CA CYS A 466 6.62 -12.09 7.82
C CYS A 466 5.27 -11.96 8.49
N CYS A 467 5.28 -11.42 9.71
CA CYS A 467 4.12 -11.44 10.59
C CYS A 467 3.03 -10.42 10.26
N LEU A 468 3.41 -9.29 9.66
CA LEU A 468 2.44 -8.26 9.26
C LEU A 468 1.17 -8.88 8.66
N ASN A 469 1.37 -9.87 7.79
CA ASN A 469 0.26 -10.50 7.08
C ASN A 469 -0.73 -11.19 8.06
N PRO A 470 -0.27 -12.17 8.85
CA PRO A 470 -1.15 -12.76 9.87
C PRO A 470 -1.74 -11.76 10.88
N ILE A 471 -0.89 -10.93 11.50
CA ILE A 471 -1.35 -9.95 12.49
C ILE A 471 -2.53 -9.12 11.96
N LEU A 472 -2.37 -8.56 10.76
CA LEU A 472 -3.39 -7.69 10.16
C LEU A 472 -4.78 -8.31 10.09
N TYR A 473 -4.86 -9.63 10.14
CA TYR A 473 -6.13 -10.29 10.43
C TYR A 473 -6.46 -10.12 11.92
N ALA A 474 -6.89 -8.90 12.28
CA ALA A 474 -7.18 -8.50 13.65
C ALA A 474 -8.34 -7.50 13.61
N ARG B 1 26.32 -13.93 5.59
CA ARG B 1 26.60 -12.57 5.06
C ARG B 1 26.43 -12.61 3.57
N ARG B 2 25.56 -11.77 3.03
CA ARG B 2 25.18 -11.83 1.61
C ARG B 2 26.15 -11.11 0.69
N ALN B 3 27.15 -10.25 0.86
CA ALN B 3 27.79 -9.58 -0.25
C ALN B 3 29.27 -9.72 -0.09
O ALN B 3 29.97 -8.70 0.05
CB ALN B 3 27.41 -8.10 -0.29
CG1 ALN B 3 25.92 -7.86 -0.41
CD1 ALN B 3 25.22 -7.35 0.67
CE1 ALN B 3 23.84 -7.11 0.63
CD2 ALN B 3 25.17 -8.11 -1.66
CE2 ALN B 3 23.71 -7.83 -1.65
CZ1 ALN B 3 23.10 -7.33 -0.52
CG2 ALN B 3 25.77 -8.60 -2.81
CD3 ALN B 3 25.00 -8.83 -3.94
CE3 ALN B 3 23.62 -8.56 -3.93
CZ2 ALN B 3 22.98 -8.06 -2.80
N CYS B 4 29.83 -10.93 -0.05
CA CYS B 4 31.28 -11.05 0.10
C CYS B 4 31.96 -11.12 -1.24
N TYR B 5 33.26 -10.90 -1.27
CA TYR B 5 33.99 -10.90 -2.51
C TYR B 5 35.50 -10.82 -2.34
N GLN B 6 36.22 -10.99 -3.45
CA GLN B 6 37.68 -10.96 -3.48
C GLN B 6 38.18 -9.61 -3.98
N LYS B 7 38.94 -8.89 -3.15
CA LYS B 7 39.64 -7.67 -3.56
C LYS B 7 41.14 -7.89 -3.48
N DPR B 8 41.79 -8.18 -4.63
CA DPR B 8 43.22 -8.53 -4.61
CB DPR B 8 43.51 -8.89 -6.07
CG DPR B 8 42.18 -9.28 -6.65
CD DPR B 8 41.22 -8.35 -5.99
C DPR B 8 43.48 -9.74 -3.72
O DPR B 8 42.85 -10.79 -3.92
N PRO B 9 44.39 -9.60 -2.74
CA PRO B 9 44.62 -10.71 -1.81
C PRO B 9 43.57 -10.80 -0.70
N TYR B 10 42.69 -9.79 -0.62
CA TYR B 10 41.71 -9.68 0.47
C TYR B 10 40.36 -10.35 0.18
N ARG B 11 39.74 -10.87 1.23
CA ARG B 11 38.32 -11.22 1.19
C ARG B 11 37.58 -10.06 1.83
C CIR B 12 34.29 -8.80 2.05
O CIR B 12 33.93 -9.67 1.22
CA CIR B 12 35.68 -8.31 1.92
N CIR B 12 36.50 -9.38 1.42
C3 CIR B 12 35.70 -7.18 0.91
C4 CIR B 12 37.03 -6.46 0.92
C5 CIR B 12 36.84 -5.02 1.40
N6 CIR B 12 37.52 -4.08 0.52
C7 CIR B 12 37.39 -2.76 0.72
O7 CIR B 12 36.66 -2.34 1.62
N8 CIR B 12 38.06 -1.93 -0.08
N CYS B 13 33.50 -8.25 2.97
CA CYS B 13 32.07 -8.23 2.64
C CYS B 13 31.49 -6.84 2.79
N ARG B 14 30.42 -6.56 2.06
CA ARG B 14 29.82 -5.24 2.04
C ARG B 14 28.96 -4.94 3.27
N GLY B 15 28.72 -5.96 4.10
CA GLY B 15 28.06 -5.71 5.39
C GLY B 15 26.56 -5.78 5.25
N DPR B 16 25.94 -6.69 6.03
CA DPR B 16 24.69 -7.30 5.63
CB DPR B 16 24.01 -7.61 6.98
CG DPR B 16 24.99 -7.18 8.04
CD DPR B 16 26.31 -7.05 7.40
C DPR B 16 25.00 -8.58 4.86
O DPR B 16 24.17 -9.49 4.70
OXT DPR B 16 26.13 -8.76 4.39
#